data_6N3F
#
_entry.id   6N3F
#
_cell.length_a   46.319
_cell.length_b   58.710
_cell.length_c   125.957
_cell.angle_alpha   90.000
_cell.angle_beta   90.000
_cell.angle_gamma   90.000
#
_symmetry.space_group_name_H-M   'P 21 21 21'
#
loop_
_entity.id
_entity.type
_entity.pdbx_description
1 polymer 'HIV Tat-specific factor 1'
2 polymer 'SF3b1 U2AF ligand motif'
3 non-polymer DI(HYDROXYETHYL)ETHER
4 non-polymer GLYCEROL
5 water water
#
loop_
_entity_poly.entity_id
_entity_poly.type
_entity_poly.pdbx_seq_one_letter_code
_entity_poly.pdbx_strand_id
1 'polypeptide(L)'
;GSMRHERVVIIKNMFHPMDFEDDPLVLNEIREDLRVECSKFGQIRKLLLFDRHPDGVASVSFRDPEEADYCIQTLDGRWF
GGRQITAQAWDGTTDY
;
A,C
2 'polypeptide(L)' SRWD D
#
loop_
_chem_comp.id
_chem_comp.type
_chem_comp.name
_chem_comp.formula
GOL non-polymer GLYCEROL 'C3 H8 O3'
PEG non-polymer DI(HYDROXYETHYL)ETHER 'C4 H10 O3'
#
# COMPACT_ATOMS: atom_id res chain seq x y z
N SER A 2 23.59 10.09 -7.86
CA SER A 2 25.01 9.79 -7.92
C SER A 2 25.81 11.06 -8.13
N MET A 3 25.35 11.96 -8.97
CA MET A 3 26.02 13.24 -9.10
C MET A 3 25.91 14.02 -7.79
N ARG A 4 26.89 14.85 -7.58
CA ARG A 4 27.00 15.63 -6.35
C ARG A 4 25.74 16.46 -6.10
N HIS A 5 25.21 17.08 -7.16
CA HIS A 5 24.06 17.97 -6.98
C HIS A 5 22.87 17.53 -7.84
N GLU A 6 22.53 16.25 -7.81
CA GLU A 6 21.54 15.72 -8.72
C GLU A 6 20.15 16.25 -8.37
N ARG A 7 19.45 16.73 -9.37
CA ARG A 7 18.14 17.33 -9.21
C ARG A 7 17.02 16.39 -9.64
N VAL A 8 17.36 15.21 -10.18
CA VAL A 8 16.38 14.28 -10.71
C VAL A 8 16.17 13.16 -9.73
N VAL A 9 14.91 12.93 -9.38
CA VAL A 9 14.49 11.86 -8.48
C VAL A 9 13.84 10.77 -9.30
N ILE A 10 14.24 9.53 -9.05
CA ILE A 10 13.61 8.34 -9.65
C ILE A 10 12.76 7.67 -8.58
N ILE A 11 11.48 7.55 -8.85
CA ILE A 11 10.52 6.91 -7.95
C ILE A 11 10.15 5.57 -8.56
N LYS A 12 10.16 4.52 -7.75
CA LYS A 12 9.78 3.21 -8.26
C LYS A 12 8.71 2.56 -7.39
N ASN A 13 8.06 1.57 -8.00
CA ASN A 13 7.00 0.76 -7.40
C ASN A 13 5.74 1.58 -7.13
N MET A 14 5.50 2.56 -7.99
CA MET A 14 4.36 3.44 -7.81
C MET A 14 3.10 2.93 -8.50
N PHE A 15 3.23 1.97 -9.40
CA PHE A 15 2.12 1.42 -10.15
C PHE A 15 2.63 0.14 -10.81
N HIS A 16 1.71 -0.62 -11.39
CA HIS A 16 2.06 -1.62 -12.36
C HIS A 16 1.35 -1.31 -13.67
N PRO A 17 1.98 -1.57 -14.83
CA PRO A 17 1.32 -1.21 -16.10
C PRO A 17 -0.07 -1.79 -16.29
N MET A 18 -0.37 -2.94 -15.68
CA MET A 18 -1.73 -3.50 -15.75
C MET A 18 -2.76 -2.62 -15.06
N ASP A 19 -2.32 -1.73 -14.17
CA ASP A 19 -3.25 -0.79 -13.52
C ASP A 19 -4.00 0.04 -14.55
N PHE A 20 -3.39 0.29 -15.71
CA PHE A 20 -3.93 1.15 -16.75
C PHE A 20 -4.65 0.37 -17.84
N GLU A 21 -4.68 -0.96 -17.73
CA GLU A 21 -5.27 -1.78 -18.78
C GLU A 21 -6.78 -1.59 -18.86
N ASP A 22 -7.45 -1.58 -17.72
CA ASP A 22 -8.90 -1.63 -17.78
C ASP A 22 -9.53 -0.32 -17.35
N ASP A 23 -8.74 0.76 -17.25
CA ASP A 23 -9.33 2.09 -17.11
C ASP A 23 -8.35 3.15 -17.56
N PRO A 24 -8.60 3.84 -18.69
CA PRO A 24 -7.60 4.75 -19.25
C PRO A 24 -7.47 6.05 -18.49
N LEU A 25 -8.36 6.29 -17.52
CA LEU A 25 -8.29 7.48 -16.70
C LEU A 25 -7.30 7.36 -15.55
N VAL A 26 -6.93 6.14 -15.16
CA VAL A 26 -6.09 5.96 -13.98
C VAL A 26 -4.71 6.57 -14.18
N LEU A 27 -4.17 6.52 -15.40
CA LEU A 27 -2.82 7.03 -15.63
C LEU A 27 -2.75 8.52 -15.32
N ASN A 28 -3.70 9.29 -15.82
CA ASN A 28 -3.71 10.72 -15.60
C ASN A 28 -3.96 11.04 -14.14
N GLU A 29 -4.81 10.27 -13.49
CA GLU A 29 -5.01 10.49 -12.05
C GLU A 29 -3.71 10.27 -11.29
N ILE A 30 -3.01 9.17 -11.58
CA ILE A 30 -1.76 8.88 -10.87
C ILE A 30 -0.74 9.98 -11.16
N ARG A 31 -0.69 10.46 -12.40
CA ARG A 31 0.29 11.47 -12.79
C ARG A 31 0.04 12.78 -12.06
N GLU A 32 -1.20 13.23 -12.00
CA GLU A 32 -1.46 14.46 -11.27
C GLU A 32 -1.39 14.27 -9.77
N ASP A 33 -1.81 13.11 -9.24
CA ASP A 33 -1.56 12.85 -7.83
C ASP A 33 -0.09 13.07 -7.50
N LEU A 34 0.81 12.57 -8.37
CA LEU A 34 2.25 12.73 -8.13
C LEU A 34 2.67 14.19 -8.25
N ARG A 35 2.17 14.88 -9.29
N ARG A 35 2.17 14.88 -9.29
CA ARG A 35 2.51 16.28 -9.46
CA ARG A 35 2.53 16.28 -9.45
C ARG A 35 2.05 17.11 -8.27
C ARG A 35 2.06 17.11 -8.26
N VAL A 36 0.84 16.85 -7.77
CA VAL A 36 0.33 17.59 -6.63
C VAL A 36 1.22 17.37 -5.41
N GLU A 37 1.63 16.12 -5.16
CA GLU A 37 2.46 15.86 -3.99
C GLU A 37 3.83 16.51 -4.14
N CYS A 38 4.46 16.36 -5.30
CA CYS A 38 5.85 16.80 -5.48
C CYS A 38 6.00 18.31 -5.62
N SER A 39 4.95 19.03 -5.99
CA SER A 39 5.10 20.47 -6.05
C SER A 39 5.16 21.11 -4.67
N LYS A 40 4.81 20.39 -3.59
CA LYS A 40 5.12 20.85 -2.25
C LYS A 40 6.62 20.87 -1.98
N PHE A 41 7.41 20.06 -2.72
CA PHE A 41 8.82 19.89 -2.44
C PHE A 41 9.70 20.86 -3.20
N GLY A 42 9.23 21.36 -4.33
CA GLY A 42 10.06 22.25 -5.12
C GLY A 42 9.44 22.51 -6.46
N GLN A 43 10.11 23.37 -7.20
CA GLN A 43 9.70 23.69 -8.55
C GLN A 43 10.02 22.49 -9.44
N ILE A 44 9.00 21.93 -10.04
CA ILE A 44 9.13 20.81 -10.94
C ILE A 44 9.46 21.32 -12.34
N ARG A 45 10.60 20.90 -12.87
CA ARG A 45 10.95 21.23 -14.24
C ARG A 45 10.45 20.21 -15.23
N LYS A 46 10.40 18.94 -14.85
CA LYS A 46 9.86 17.92 -15.74
C LYS A 46 9.35 16.77 -14.89
N LEU A 47 8.21 16.21 -15.28
CA LEU A 47 7.65 15.05 -14.58
C LEU A 47 7.22 14.01 -15.61
N LEU A 48 7.66 12.78 -15.43
CA LEU A 48 7.50 11.70 -16.40
C LEU A 48 7.11 10.43 -15.66
N LEU A 49 6.03 9.80 -16.11
CA LEU A 49 5.67 8.44 -15.73
C LEU A 49 6.04 7.51 -16.88
N PHE A 50 6.82 6.48 -16.57
CA PHE A 50 7.14 5.46 -17.56
C PHE A 50 6.07 4.38 -17.45
N ASP A 51 4.97 4.61 -18.15
CA ASP A 51 3.74 3.93 -17.82
C ASP A 51 3.74 2.49 -18.29
N ARG A 52 4.73 2.09 -19.08
CA ARG A 52 4.86 0.69 -19.44
C ARG A 52 6.02 0.01 -18.76
N HIS A 53 6.75 0.72 -17.89
CA HIS A 53 7.87 0.09 -17.20
C HIS A 53 7.33 -0.88 -16.15
N PRO A 54 7.75 -2.14 -16.15
CA PRO A 54 7.16 -3.09 -15.18
C PRO A 54 7.45 -2.73 -13.73
N ASP A 55 8.45 -1.91 -13.47
CA ASP A 55 8.78 -1.56 -12.10
C ASP A 55 8.05 -0.33 -11.59
N GLY A 56 7.19 0.30 -12.39
CA GLY A 56 6.40 1.42 -11.94
C GLY A 56 7.21 2.66 -11.64
N VAL A 57 7.86 3.18 -12.66
CA VAL A 57 8.90 4.19 -12.53
C VAL A 57 8.34 5.55 -12.92
N ALA A 58 8.67 6.56 -12.13
CA ALA A 58 8.45 7.96 -12.48
C ALA A 58 9.74 8.73 -12.21
N SER A 59 9.96 9.80 -12.99
CA SER A 59 11.08 10.70 -12.67
C SER A 59 10.57 12.13 -12.52
N VAL A 60 11.11 12.82 -11.52
CA VAL A 60 10.75 14.20 -11.23
C VAL A 60 12.03 15.00 -11.16
N SER A 61 12.17 15.97 -12.07
CA SER A 61 13.29 16.89 -12.11
C SER A 61 12.91 18.20 -11.43
N PHE A 62 13.72 18.60 -10.48
CA PHE A 62 13.47 19.80 -9.73
C PHE A 62 14.44 20.89 -10.15
N ARG A 63 14.17 22.12 -9.72
CA ARG A 63 15.08 23.21 -10.05
C ARG A 63 16.35 23.17 -9.19
N ASP A 64 16.22 22.84 -7.92
CA ASP A 64 17.34 22.91 -6.98
C ASP A 64 17.59 21.54 -6.34
N PRO A 65 18.86 21.21 -6.07
CA PRO A 65 19.16 19.89 -5.48
C PRO A 65 18.53 19.69 -4.12
N GLU A 66 18.36 20.75 -3.33
CA GLU A 66 17.68 20.59 -2.04
C GLU A 66 16.24 20.12 -2.21
N GLU A 67 15.59 20.52 -3.30
CA GLU A 67 14.23 20.09 -3.58
C GLU A 67 14.18 18.58 -3.85
N ALA A 68 15.12 18.07 -4.64
CA ALA A 68 15.18 16.62 -4.85
C ALA A 68 15.46 15.91 -3.54
N ASP A 69 16.37 16.47 -2.73
CA ASP A 69 16.71 15.83 -1.46
C ASP A 69 15.48 15.76 -0.56
N TYR A 70 14.65 16.78 -0.55
CA TYR A 70 13.43 16.86 0.25
C TYR A 70 12.43 15.81 -0.25
N CYS A 71 12.18 15.78 -1.54
CA CYS A 71 11.31 14.78 -2.12
C CYS A 71 11.73 13.37 -1.71
N ILE A 72 13.01 13.03 -1.89
CA ILE A 72 13.49 11.69 -1.56
C ILE A 72 13.23 11.36 -0.09
N GLN A 73 13.58 12.29 0.81
CA GLN A 73 13.42 12.08 2.24
C GLN A 73 11.98 11.75 2.58
N THR A 74 11.05 12.48 1.99
CA THR A 74 9.63 12.36 2.30
C THR A 74 9.01 11.13 1.66
N LEU A 75 9.29 10.83 0.40
CA LEU A 75 8.60 9.73 -0.29
C LEU A 75 9.20 8.34 -0.09
N ASP A 76 10.48 8.22 0.23
CA ASP A 76 11.12 6.91 0.17
C ASP A 76 10.62 6.03 1.33
N GLY A 77 10.14 4.83 0.99
CA GLY A 77 9.59 3.94 1.98
C GLY A 77 8.12 4.14 2.29
N ARG A 78 7.46 5.08 1.63
CA ARG A 78 6.05 5.31 1.80
C ARG A 78 5.23 4.19 1.15
N TRP A 79 4.20 3.73 1.86
CA TRP A 79 3.33 2.69 1.33
C TRP A 79 2.29 3.27 0.40
N PHE A 80 1.98 2.50 -0.63
CA PHE A 80 1.08 2.97 -1.68
C PHE A 80 0.49 1.76 -2.40
N GLY A 81 -0.81 1.52 -2.20
CA GLY A 81 -1.51 0.43 -2.85
C GLY A 81 -0.77 -0.89 -2.86
N GLY A 82 -0.29 -1.33 -1.70
CA GLY A 82 0.31 -2.63 -1.56
C GLY A 82 1.82 -2.64 -1.59
N ARG A 83 2.47 -1.62 -2.20
CA ARG A 83 3.92 -1.59 -2.35
C ARG A 83 4.50 -0.41 -1.59
N GLN A 84 5.73 -0.60 -1.08
CA GLN A 84 6.58 0.50 -0.68
C GLN A 84 7.20 1.12 -1.91
N ILE A 85 6.96 2.39 -2.12
CA ILE A 85 7.69 3.07 -3.17
C ILE A 85 9.10 3.37 -2.68
N THR A 86 10.03 3.40 -3.62
CA THR A 86 11.38 3.89 -3.35
C THR A 86 11.59 5.18 -4.11
N ALA A 87 12.43 6.05 -3.53
CA ALA A 87 12.77 7.30 -4.15
C ALA A 87 14.27 7.51 -4.00
N GLN A 88 14.96 7.76 -5.10
CA GLN A 88 16.42 7.89 -5.06
C GLN A 88 16.89 8.86 -6.14
N ALA A 89 18.07 9.44 -5.93
CA ALA A 89 18.67 10.28 -6.97
C ALA A 89 18.93 9.49 -8.24
N TRP A 90 18.59 10.09 -9.38
CA TRP A 90 18.91 9.48 -10.66
C TRP A 90 20.42 9.24 -10.74
N ASP A 91 20.84 8.08 -11.27
CA ASP A 91 22.28 7.86 -11.43
C ASP A 91 22.86 8.64 -12.59
N GLY A 92 22.04 9.38 -13.32
CA GLY A 92 22.54 10.15 -14.43
C GLY A 92 22.83 9.37 -15.69
N THR A 93 22.50 8.08 -15.74
CA THR A 93 22.75 7.24 -16.91
C THR A 93 21.58 6.30 -17.28
N THR A 94 20.98 5.63 -16.30
CA THR A 94 19.90 4.68 -16.62
C THR A 94 18.72 5.37 -17.30
N ASP A 95 18.25 4.75 -18.39
CA ASP A 95 17.01 5.05 -19.09
C ASP A 95 15.88 4.15 -18.59
N TYR A 96 14.65 4.58 -18.82
CA TYR A 96 13.50 3.85 -18.31
C TYR A 96 12.44 3.72 -19.38
N MET B 3 -29.75 -14.89 19.60
CA MET B 3 -28.78 -14.04 20.28
C MET B 3 -27.38 -14.52 19.92
N ARG B 4 -26.75 -13.91 18.92
CA ARG B 4 -25.41 -14.26 18.55
C ARG B 4 -24.48 -13.22 19.12
N HIS B 5 -23.44 -13.72 19.73
CA HIS B 5 -22.36 -13.00 20.37
C HIS B 5 -21.15 -13.23 19.45
N GLU B 6 -21.14 -12.51 18.34
CA GLU B 6 -20.20 -12.83 17.27
C GLU B 6 -18.76 -12.50 17.67
N ARG B 7 -17.88 -13.50 17.50
CA ARG B 7 -16.47 -13.40 17.83
C ARG B 7 -15.57 -13.27 16.58
N VAL B 8 -16.13 -13.38 15.38
CA VAL B 8 -15.35 -13.38 14.15
C VAL B 8 -15.44 -12.00 13.51
N VAL B 9 -14.28 -11.44 13.19
CA VAL B 9 -14.15 -10.18 12.47
C VAL B 9 -13.72 -10.50 11.04
N ILE B 10 -14.39 -9.87 10.07
CA ILE B 10 -14.06 -9.95 8.64
C ILE B 10 -13.41 -8.63 8.25
N ILE B 11 -12.18 -8.70 7.77
CA ILE B 11 -11.43 -7.56 7.28
C ILE B 11 -11.36 -7.66 5.76
N LYS B 12 -11.63 -6.56 5.06
CA LYS B 12 -11.50 -6.53 3.62
C LYS B 12 -10.57 -5.39 3.17
N ASN B 13 -10.11 -5.51 1.91
CA ASN B 13 -9.18 -4.59 1.27
C ASN B 13 -7.83 -4.55 1.97
N MET B 14 -7.46 -5.67 2.58
CA MET B 14 -6.17 -5.78 3.25
C MET B 14 -5.04 -6.15 2.29
N PHE B 15 -5.37 -6.71 1.13
CA PHE B 15 -4.37 -7.14 0.16
C PHE B 15 -5.09 -7.34 -1.16
N HIS B 16 -4.32 -7.64 -2.18
CA HIS B 16 -4.85 -8.14 -3.45
C HIS B 16 -4.09 -9.42 -3.80
N PRO B 17 -4.75 -10.44 -4.34
CA PRO B 17 -4.03 -11.68 -4.68
C PRO B 17 -2.76 -11.50 -5.51
N MET B 18 -2.74 -10.53 -6.42
CA MET B 18 -1.52 -10.21 -7.15
C MET B 18 -0.37 -9.79 -6.25
N ASP B 19 -0.62 -9.34 -5.01
CA ASP B 19 0.48 -9.06 -4.10
C ASP B 19 1.40 -10.26 -3.89
N PHE B 20 0.92 -11.49 -4.15
CA PHE B 20 1.66 -12.68 -3.75
C PHE B 20 2.34 -13.37 -4.92
N GLU B 21 2.08 -12.91 -6.12
CA GLU B 21 2.46 -13.69 -7.29
C GLU B 21 3.96 -13.60 -7.54
N ASP B 22 4.57 -12.47 -7.21
CA ASP B 22 6.01 -12.37 -7.42
C ASP B 22 6.79 -12.95 -6.25
N ASP B 23 6.32 -12.75 -5.02
CA ASP B 23 7.10 -13.10 -3.84
C ASP B 23 6.32 -14.09 -2.98
N PRO B 24 6.79 -15.33 -2.84
CA PRO B 24 6.06 -16.34 -2.06
C PRO B 24 6.13 -16.17 -0.56
N LEU B 25 6.89 -15.19 -0.04
CA LEU B 25 6.97 -14.93 1.40
C LEU B 25 6.00 -13.86 1.90
N VAL B 26 5.42 -13.08 0.99
CA VAL B 26 4.59 -11.96 1.43
C VAL B 26 3.33 -12.43 2.15
N LEU B 27 2.75 -13.56 1.77
CA LEU B 27 1.49 -13.95 2.39
C LEU B 27 1.69 -14.20 3.88
N ASN B 28 2.74 -14.93 4.22
CA ASN B 28 3.00 -15.18 5.64
C ASN B 28 3.44 -13.91 6.34
N GLU B 29 4.21 -13.07 5.68
CA GLU B 29 4.55 -11.79 6.29
C GLU B 29 3.30 -11.06 6.70
N ILE B 30 2.31 -10.93 5.81
CA ILE B 30 1.20 -10.07 6.18
C ILE B 30 0.26 -10.78 7.14
N ARG B 31 0.16 -12.11 7.05
CA ARG B 31 -0.60 -12.86 8.04
C ARG B 31 -0.05 -12.64 9.44
N GLU B 32 1.26 -12.76 9.60
CA GLU B 32 1.87 -12.53 10.90
C GLU B 32 1.73 -11.07 11.34
N ASP B 33 1.82 -10.10 10.41
CA ASP B 33 1.58 -8.70 10.77
C ASP B 33 0.17 -8.52 11.33
N LEU B 34 -0.79 -9.19 10.71
CA LEU B 34 -2.16 -9.08 11.21
C LEU B 34 -2.31 -9.74 12.58
N ARG B 35 -1.66 -10.88 12.80
CA ARG B 35 -1.72 -11.50 14.11
C ARG B 35 -1.20 -10.53 15.17
N VAL B 36 -0.07 -9.88 14.89
CA VAL B 36 0.51 -8.98 15.88
C VAL B 36 -0.45 -7.84 16.22
N GLU B 37 -0.95 -7.13 15.21
CA GLU B 37 -1.89 -6.04 15.46
C GLU B 37 -3.15 -6.53 16.20
N CYS B 38 -3.73 -7.64 15.74
CA CYS B 38 -4.98 -8.08 16.33
C CYS B 38 -4.80 -8.61 17.75
N SER B 39 -3.63 -9.15 18.08
CA SER B 39 -3.38 -9.57 19.45
C SER B 39 -3.47 -8.43 20.44
N LYS B 40 -3.44 -7.19 19.98
CA LYS B 40 -3.62 -6.05 20.87
C LYS B 40 -5.05 -5.98 21.40
N PHE B 41 -5.99 -6.61 20.73
CA PHE B 41 -7.37 -6.50 21.13
C PHE B 41 -7.84 -7.66 22.00
N GLY B 42 -7.12 -8.77 22.03
CA GLY B 42 -7.53 -9.92 22.79
C GLY B 42 -6.91 -11.20 22.25
N GLN B 43 -7.35 -12.33 22.80
CA GLN B 43 -6.78 -13.62 22.43
C GLN B 43 -7.42 -14.07 21.12
N ILE B 44 -6.59 -14.48 20.17
CA ILE B 44 -7.05 -14.92 18.86
C ILE B 44 -7.25 -16.43 18.89
N ARG B 45 -8.39 -16.88 18.43
CA ARG B 45 -8.59 -18.32 18.31
C ARG B 45 -8.15 -18.85 16.94
N LYS B 46 -8.48 -18.12 15.88
CA LYS B 46 -8.23 -18.56 14.51
C LYS B 46 -8.07 -17.36 13.60
N LEU B 47 -7.08 -17.47 12.71
CA LEU B 47 -6.69 -16.41 11.78
C LEU B 47 -6.62 -16.98 10.37
N LEU B 48 -7.41 -16.45 9.45
CA LEU B 48 -7.45 -16.93 8.08
C LEU B 48 -7.30 -15.78 7.11
N LEU B 49 -6.46 -15.97 6.13
CA LEU B 49 -6.36 -15.07 4.98
C LEU B 49 -6.85 -15.83 3.76
N PHE B 50 -7.75 -15.22 3.03
CA PHE B 50 -8.32 -15.82 1.83
C PHE B 50 -7.57 -15.24 0.63
N ASP B 51 -6.39 -15.82 0.36
CA ASP B 51 -5.39 -15.21 -0.50
C ASP B 51 -5.76 -15.22 -1.98
N ARG B 52 -6.79 -15.94 -2.39
CA ARG B 52 -7.30 -15.87 -3.75
C ARG B 52 -8.50 -14.95 -3.88
N HIS B 53 -9.02 -14.41 -2.79
CA HIS B 53 -10.24 -13.63 -2.91
C HIS B 53 -9.89 -12.23 -3.42
N PRO B 54 -10.51 -11.76 -4.50
CA PRO B 54 -10.15 -10.43 -5.04
C PRO B 54 -10.43 -9.25 -4.13
N ASP B 55 -11.21 -9.43 -3.07
CA ASP B 55 -11.52 -8.37 -2.15
C ASP B 55 -10.50 -8.27 -1.00
N GLY B 56 -9.50 -9.14 -0.95
CA GLY B 56 -8.50 -9.03 0.11
C GLY B 56 -9.04 -9.32 1.49
N VAL B 57 -9.68 -10.47 1.66
CA VAL B 57 -10.44 -10.81 2.86
C VAL B 57 -9.60 -11.63 3.82
N ALA B 58 -9.66 -11.25 5.10
CA ALA B 58 -9.15 -12.07 6.20
C ALA B 58 -10.24 -12.21 7.25
N SER B 59 -10.23 -13.32 7.97
CA SER B 59 -11.07 -13.43 9.15
C SER B 59 -10.21 -13.64 10.40
N VAL B 60 -10.62 -12.99 11.47
CA VAL B 60 -9.97 -13.07 12.77
C VAL B 60 -11.04 -13.43 13.80
N SER B 61 -10.86 -14.55 14.44
CA SER B 61 -11.80 -15.07 15.42
C SER B 61 -11.20 -14.91 16.82
N PHE B 62 -11.90 -14.21 17.71
CA PHE B 62 -11.42 -13.93 19.06
C PHE B 62 -12.08 -14.87 20.10
N ARG B 63 -11.46 -14.96 21.27
CA ARG B 63 -12.00 -15.78 22.34
C ARG B 63 -13.30 -15.21 22.92
N ASP B 64 -13.43 -13.89 22.97
CA ASP B 64 -14.58 -13.24 23.56
C ASP B 64 -15.20 -12.20 22.63
N PRO B 65 -16.52 -12.06 22.63
CA PRO B 65 -17.15 -11.09 21.74
C PRO B 65 -16.72 -9.65 22.02
N GLU B 66 -16.33 -9.30 23.25
CA GLU B 66 -15.86 -7.95 23.51
C GLU B 66 -14.57 -7.63 22.75
N GLU B 67 -13.73 -8.64 22.52
CA GLU B 67 -12.47 -8.38 21.82
C GLU B 67 -12.75 -8.14 20.35
N ALA B 68 -13.63 -8.94 19.75
CA ALA B 68 -14.08 -8.68 18.39
C ALA B 68 -14.69 -7.29 18.25
N ASP B 69 -15.55 -6.89 19.18
CA ASP B 69 -16.16 -5.55 19.09
C ASP B 69 -15.09 -4.45 19.10
N TYR B 70 -14.11 -4.60 19.96
CA TYR B 70 -13.03 -3.62 20.05
C TYR B 70 -12.13 -3.65 18.82
N CYS B 71 -11.90 -4.82 18.25
CA CYS B 71 -11.11 -4.89 17.03
C CYS B 71 -11.84 -4.18 15.89
N ILE B 72 -13.16 -4.36 15.82
CA ILE B 72 -13.92 -3.73 14.75
C ILE B 72 -13.90 -2.23 14.91
N GLN B 73 -14.08 -1.73 16.15
CA GLN B 73 -14.04 -0.30 16.39
C GLN B 73 -12.71 0.33 15.96
N THR B 74 -11.60 -0.36 16.19
CA THR B 74 -10.28 0.21 16.02
C THR B 74 -9.77 0.05 14.58
N LEU B 75 -10.06 -1.08 13.94
CA LEU B 75 -9.49 -1.38 12.63
C LEU B 75 -10.28 -0.84 11.45
N ASP B 76 -11.57 -0.59 11.58
CA ASP B 76 -12.37 -0.23 10.40
C ASP B 76 -11.94 1.17 9.95
N GLY B 77 -11.50 1.30 8.71
CA GLY B 77 -11.01 2.58 8.24
C GLY B 77 -9.54 2.86 8.47
N ARG B 78 -8.81 1.97 9.08
CA ARG B 78 -7.39 2.16 9.25
C ARG B 78 -6.65 1.84 7.95
N TRP B 79 -5.35 2.06 7.90
CA TRP B 79 -4.56 1.91 6.69
C TRP B 79 -3.51 0.82 6.89
N PHE B 80 -3.42 -0.12 5.94
CA PHE B 80 -2.52 -1.27 6.01
C PHE B 80 -1.81 -1.41 4.66
N GLY B 81 -0.50 -1.20 4.66
CA GLY B 81 0.25 -1.22 3.42
C GLY B 81 -0.29 -0.28 2.36
N GLY B 82 -0.78 0.88 2.74
CA GLY B 82 -1.28 1.85 1.77
C GLY B 82 -2.70 1.62 1.28
N ARG B 83 -3.41 0.65 1.85
CA ARG B 83 -4.81 0.38 1.54
C ARG B 83 -5.67 0.65 2.77
N GLN B 84 -6.80 1.31 2.58
CA GLN B 84 -7.77 1.50 3.65
C GLN B 84 -8.68 0.26 3.80
N ILE B 85 -8.69 -0.32 4.99
CA ILE B 85 -9.37 -1.58 5.23
C ILE B 85 -10.73 -1.31 5.85
N THR B 86 -11.61 -2.30 5.71
CA THR B 86 -12.87 -2.34 6.45
C THR B 86 -12.83 -3.51 7.41
N ALA B 87 -13.53 -3.37 8.51
CA ALA B 87 -13.60 -4.40 9.52
C ALA B 87 -15.05 -4.46 10.00
N GLN B 88 -15.63 -5.66 9.97
CA GLN B 88 -17.02 -5.79 10.37
C GLN B 88 -17.29 -7.20 10.91
N ALA B 89 -18.40 -7.32 11.63
CA ALA B 89 -18.78 -8.61 12.18
C ALA B 89 -19.12 -9.58 11.06
N TRP B 90 -18.63 -10.80 11.18
CA TRP B 90 -19.03 -11.84 10.26
C TRP B 90 -20.54 -12.04 10.31
N ASP B 91 -21.15 -12.30 9.16
CA ASP B 91 -22.57 -12.59 9.12
C ASP B 91 -22.90 -14.00 9.61
N GLY B 92 -21.91 -14.82 9.91
CA GLY B 92 -22.18 -16.16 10.39
C GLY B 92 -22.48 -17.19 9.32
N THR B 93 -22.52 -16.80 8.05
CA THR B 93 -22.90 -17.76 7.03
C THR B 93 -22.00 -17.74 5.80
N THR B 94 -21.35 -16.61 5.53
CA THR B 94 -20.59 -16.49 4.29
C THR B 94 -19.22 -17.13 4.44
N ASP B 95 -18.83 -17.93 3.44
CA ASP B 95 -17.55 -18.61 3.36
C ASP B 95 -16.73 -17.92 2.28
N TYR B 96 -15.63 -17.31 2.67
CA TYR B 96 -14.86 -16.51 1.74
C TYR B 96 -13.83 -17.39 1.01
N SER C 1 6.66 -3.57 9.06
CA SER C 1 5.23 -3.54 9.30
C SER C 1 4.46 -2.59 8.37
N ARG C 2 3.28 -2.95 7.96
CA ARG C 2 2.54 -2.08 7.09
C ARG C 2 1.47 -1.24 7.79
N TRP C 3 1.35 -1.37 9.10
CA TRP C 3 0.27 -0.75 9.82
C TRP C 3 0.32 0.76 9.82
N ASP C 4 -0.84 1.39 9.63
CA ASP C 4 -1.02 2.82 9.49
C ASP C 4 -0.07 3.64 8.60
C1 PEG D . 16.42 15.18 -16.82
O1 PEG D . 15.84 16.41 -16.44
C2 PEG D . 15.37 14.27 -17.48
O2 PEG D . 15.89 13.00 -17.82
C3 PEG D . 16.18 12.10 -16.77
C4 PEG D . 15.00 11.17 -16.47
O4 PEG D . 15.51 9.88 -16.20
H11 PEG D . 17.14 15.35 -17.45
H12 PEG D . 16.77 14.74 -16.03
HO1 PEG D . 15.00 16.37 -16.51
H21 PEG D . 14.64 14.14 -16.86
H22 PEG D . 15.06 14.69 -18.29
H31 PEG D . 16.94 11.57 -17.03
H32 PEG D . 16.38 12.61 -15.98
H41 PEG D . 14.52 11.49 -15.69
H42 PEG D . 14.40 11.12 -17.23
HO4 PEG D . 15.40 9.39 -16.89
C1 GOL E . -15.80 -17.56 7.49
O1 GOL E . -15.25 -17.32 6.19
C2 GOL E . -14.81 -17.09 8.56
O2 GOL E . -13.49 -17.55 8.22
C3 GOL E . -15.23 -17.63 9.92
O3 GOL E . -14.77 -18.98 10.05
H11 GOL E . -16.64 -17.08 7.63
H12 GOL E . -16.00 -18.49 7.64
HO1 GOL E . -14.41 -17.25 6.30
H2 GOL E . -14.84 -16.12 8.59
HO2 GOL E . -13.56 -18.37 7.99
H31 GOL E . -14.86 -17.04 10.60
H32 GOL E . -16.19 -17.55 9.99
HO3 GOL E . -13.92 -18.96 10.07
#